data_1TPY
#
_entry.id   1TPY
#
_cell.length_a   42.587
_cell.length_b   58.420
_cell.length_c   133.683
_cell.angle_alpha   90.00
_cell.angle_beta   90.00
_cell.angle_gamma   90.00
#
_symmetry.space_group_name_H-M   'P 21 21 21'
#
loop_
_entity.id
_entity.type
_entity.pdbx_description
1 polymer 'methoxy mycolic acid synthase 2'
2 non-polymer 'CARBONATE ION'
3 non-polymer S-ADENOSYL-L-HOMOCYSTEINE
4 non-polymer CETYL-TRIMETHYL-AMMONIUM
5 water water
#
_entity_poly.entity_id   1
_entity_poly.type   'polypeptide(L)'
_entity_poly.pdbx_seq_one_letter_code
;MVNDLTPHFEDVQAHYDLSDDFFRLFLDPTQTYSCAHFEREDMTLEEAQIAKIDLALGKLGLQPGMTLLDIGCGWGATMR
RAIAQYDVNVVGLTLSKNQAAHVQKSFDEMDTPRDRRVLLAGWEQFNEPVDRIVSIGAFEHFGHDRHADFFARAHKILPP
DGVLLLHTITGLTRQQMVDHGLPLTLWLARFLKFIATEIFPGGQPPTIEMVEEQSAKTGFTLTRRQSLQPHYARTLDLWA
EALQEHKSEAIAIQSEEVYERYMKYLTGCAKLFRVGYIDVNQFTLAK
;
_entity_poly.pdbx_strand_id   A
#
# COMPACT_ATOMS: atom_id res chain seq x y z
N ASN A 3 -15.30 -6.89 -19.31
CA ASN A 3 -15.02 -5.71 -20.16
C ASN A 3 -14.99 -4.48 -19.25
N ASP A 4 -14.68 -3.34 -19.86
CA ASP A 4 -14.62 -2.07 -19.14
C ASP A 4 -13.68 -2.19 -17.94
N LEU A 5 -13.72 -1.17 -17.09
CA LEU A 5 -12.86 -1.10 -15.92
C LEU A 5 -11.46 -1.59 -16.27
N THR A 6 -10.79 -0.84 -17.13
CA THR A 6 -9.44 -1.17 -17.49
C THR A 6 -8.58 -0.33 -16.54
N PRO A 7 -7.59 -0.96 -15.90
CA PRO A 7 -6.66 -0.33 -14.95
C PRO A 7 -6.13 1.04 -15.33
N HIS A 8 -5.91 1.89 -14.33
CA HIS A 8 -5.37 3.22 -14.56
C HIS A 8 -3.85 3.12 -14.56
N PHE A 9 -3.31 2.45 -15.58
CA PHE A 9 -1.85 2.26 -15.68
C PHE A 9 -1.04 3.55 -15.65
N GLU A 10 -1.40 4.51 -16.51
CA GLU A 10 -0.67 5.77 -16.58
C GLU A 10 -0.52 6.49 -15.24
N ASP A 11 -1.63 6.76 -14.55
CA ASP A 11 -1.57 7.45 -13.27
C ASP A 11 -0.70 6.77 -12.23
N VAL A 12 -0.87 5.46 -12.08
CA VAL A 12 -0.10 4.69 -11.11
C VAL A 12 1.35 4.56 -11.53
N GLN A 13 1.60 4.34 -12.81
CA GLN A 13 2.95 4.22 -13.33
C GLN A 13 3.75 5.53 -13.24
N ALA A 14 3.07 6.65 -13.38
CA ALA A 14 3.71 7.97 -13.31
C ALA A 14 4.46 8.11 -12.01
N HIS A 15 4.08 7.33 -11.00
CA HIS A 15 4.78 7.38 -9.72
C HIS A 15 5.77 6.22 -9.54
N TYR A 16 5.26 4.99 -9.55
CA TYR A 16 6.12 3.82 -9.31
C TYR A 16 7.12 3.44 -10.36
N ASP A 17 6.99 3.96 -11.58
CA ASP A 17 7.95 3.63 -12.62
C ASP A 17 8.99 4.73 -12.80
N LEU A 18 9.00 5.69 -11.89
CA LEU A 18 9.95 6.79 -11.94
C LEU A 18 11.38 6.27 -12.08
N SER A 19 11.76 5.37 -11.18
CA SER A 19 13.09 4.77 -11.18
C SER A 19 13.32 3.98 -9.90
N ASP A 20 13.64 2.70 -10.04
CA ASP A 20 13.90 1.86 -8.88
C ASP A 20 15.10 2.38 -8.11
N ASP A 21 16.08 2.89 -8.84
CA ASP A 21 17.27 3.43 -8.23
C ASP A 21 16.91 4.62 -7.34
N PHE A 22 15.96 5.42 -7.78
CA PHE A 22 15.54 6.59 -7.01
C PHE A 22 14.85 6.16 -5.74
N PHE A 23 13.91 5.22 -5.84
CA PHE A 23 13.19 4.75 -4.66
C PHE A 23 14.13 4.05 -3.70
N ARG A 24 15.16 3.38 -4.21
CA ARG A 24 16.10 2.69 -3.36
C ARG A 24 16.86 3.67 -2.45
N LEU A 25 16.88 4.93 -2.83
CA LEU A 25 17.56 5.96 -2.06
C LEU A 25 16.92 6.22 -0.70
N PHE A 26 15.60 6.02 -0.58
CA PHE A 26 14.96 6.28 0.69
C PHE A 26 14.11 5.16 1.31
N LEU A 27 13.71 4.18 0.51
CA LEU A 27 12.92 3.08 1.07
C LEU A 27 13.88 2.17 1.84
N ASP A 28 13.33 1.33 2.71
CA ASP A 28 14.18 0.41 3.44
C ASP A 28 14.65 -0.63 2.41
N PRO A 29 15.63 -1.48 2.77
CA PRO A 29 16.14 -2.48 1.83
C PRO A 29 15.11 -3.37 1.11
N THR A 30 14.00 -3.68 1.77
CA THR A 30 12.97 -4.53 1.15
C THR A 30 12.11 -3.76 0.16
N GLN A 31 12.36 -2.45 0.07
CA GLN A 31 11.61 -1.60 -0.84
C GLN A 31 10.11 -1.61 -0.54
N THR A 32 9.76 -1.78 0.73
CA THR A 32 8.37 -1.75 1.13
C THR A 32 8.02 -0.27 1.03
N TYR A 33 6.83 0.02 0.50
CA TYR A 33 6.42 1.40 0.31
C TYR A 33 5.04 1.59 0.89
N SER A 34 4.97 1.57 2.22
CA SER A 34 3.72 1.71 2.95
C SER A 34 4.06 1.87 4.43
N CYS A 35 3.08 2.29 5.23
CA CYS A 35 3.30 2.50 6.66
C CYS A 35 3.91 1.31 7.42
N ALA A 36 5.01 1.58 8.11
CA ALA A 36 5.69 0.55 8.90
C ALA A 36 5.00 0.38 10.26
N HIS A 37 5.43 -0.60 11.04
CA HIS A 37 4.84 -0.83 12.36
C HIS A 37 5.93 -1.02 13.40
N PHE A 38 6.30 0.06 14.07
CA PHE A 38 7.36 0.03 15.08
C PHE A 38 6.92 -0.56 16.41
N GLU A 39 7.09 -1.88 16.54
CA GLU A 39 6.71 -2.60 17.74
C GLU A 39 7.68 -2.39 18.88
N ARG A 40 8.95 -2.13 18.55
CA ARG A 40 9.96 -1.83 19.56
C ARG A 40 10.43 -0.42 19.23
N GLU A 41 10.42 0.45 20.22
CA GLU A 41 10.83 1.84 20.05
C GLU A 41 12.08 2.04 19.18
N ASP A 42 13.11 1.25 19.40
CA ASP A 42 14.36 1.38 18.65
C ASP A 42 14.47 0.49 17.41
N MET A 43 13.33 0.00 16.93
CA MET A 43 13.29 -0.86 15.75
C MET A 43 13.72 -0.03 14.53
N THR A 44 14.47 -0.64 13.61
CA THR A 44 14.90 0.08 12.41
C THR A 44 13.73 0.07 11.44
N LEU A 45 13.81 0.89 10.39
CA LEU A 45 12.74 0.93 9.41
C LEU A 45 12.47 -0.43 8.78
N GLU A 46 13.54 -1.15 8.45
CA GLU A 46 13.36 -2.46 7.84
C GLU A 46 12.69 -3.44 8.78
N GLU A 47 13.07 -3.41 10.05
CA GLU A 47 12.47 -4.32 11.02
C GLU A 47 11.01 -3.96 11.22
N ALA A 48 10.69 -2.66 11.15
CA ALA A 48 9.31 -2.22 11.33
C ALA A 48 8.47 -2.55 10.09
N GLN A 49 9.09 -2.56 8.92
CA GLN A 49 8.36 -2.89 7.70
C GLN A 49 8.02 -4.38 7.72
N ILE A 50 8.99 -5.20 8.14
CA ILE A 50 8.78 -6.64 8.24
C ILE A 50 7.69 -6.88 9.27
N ALA A 51 7.70 -6.09 10.34
CA ALA A 51 6.69 -6.23 11.39
C ALA A 51 5.31 -5.95 10.80
N LYS A 52 5.20 -4.87 10.03
CA LYS A 52 3.90 -4.53 9.42
C LYS A 52 3.45 -5.67 8.49
N ILE A 53 4.39 -6.25 7.75
CA ILE A 53 4.09 -7.35 6.85
C ILE A 53 3.48 -8.50 7.63
N ASP A 54 4.22 -8.99 8.63
CA ASP A 54 3.76 -10.08 9.47
C ASP A 54 2.43 -9.77 10.14
N LEU A 55 2.24 -8.51 10.52
CA LEU A 55 1.01 -8.09 11.17
C LEU A 55 -0.18 -8.33 10.24
N ALA A 56 -0.03 -7.91 8.99
CA ALA A 56 -1.08 -8.08 8.00
C ALA A 56 -1.30 -9.55 7.65
N LEU A 57 -0.20 -10.23 7.35
CA LEU A 57 -0.25 -11.64 6.98
C LEU A 57 -0.81 -12.55 8.09
N GLY A 58 -0.41 -12.29 9.33
CA GLY A 58 -0.87 -13.10 10.45
C GLY A 58 -2.37 -13.06 10.72
N LYS A 59 -3.05 -12.08 10.15
CA LYS A 59 -4.50 -11.93 10.35
C LYS A 59 -5.31 -12.71 9.32
N LEU A 60 -4.63 -13.24 8.31
CA LEU A 60 -5.29 -13.96 7.24
C LEU A 60 -5.59 -15.43 7.52
N GLY A 61 -4.83 -16.03 8.43
CA GLY A 61 -5.06 -17.43 8.73
C GLY A 61 -4.47 -18.28 7.63
N LEU A 62 -3.29 -17.88 7.17
CA LEU A 62 -2.59 -18.59 6.11
C LEU A 62 -2.06 -19.96 6.54
N GLN A 63 -2.25 -20.96 5.67
CA GLN A 63 -1.76 -22.30 5.95
C GLN A 63 -0.97 -22.80 4.76
N PRO A 64 0.05 -23.64 5.02
CA PRO A 64 0.89 -24.18 3.94
C PRO A 64 0.09 -24.66 2.74
N GLY A 65 0.55 -24.31 1.54
CA GLY A 65 -0.14 -24.74 0.33
C GLY A 65 -1.20 -23.77 -0.19
N MET A 66 -1.67 -22.86 0.65
CA MET A 66 -2.68 -21.93 0.17
C MET A 66 -2.07 -21.03 -0.89
N THR A 67 -2.93 -20.34 -1.63
CA THR A 67 -2.49 -19.40 -2.63
C THR A 67 -2.88 -18.01 -2.12
N LEU A 68 -1.87 -17.17 -1.91
CA LEU A 68 -2.10 -15.81 -1.44
C LEU A 68 -1.97 -14.81 -2.58
N LEU A 69 -2.99 -13.97 -2.73
CA LEU A 69 -2.98 -12.95 -3.76
C LEU A 69 -2.62 -11.60 -3.12
N ASP A 70 -1.63 -10.93 -3.67
CA ASP A 70 -1.23 -9.62 -3.17
C ASP A 70 -1.61 -8.61 -4.23
N ILE A 71 -2.72 -7.89 -4.02
CA ILE A 71 -3.18 -6.89 -4.99
C ILE A 71 -2.43 -5.58 -4.75
N GLY A 72 -1.51 -5.26 -5.66
CA GLY A 72 -0.69 -4.07 -5.54
C GLY A 72 0.54 -4.46 -4.73
N CYS A 73 1.18 -5.53 -5.17
CA CYS A 73 2.36 -6.11 -4.51
C CYS A 73 3.61 -5.26 -4.41
N GLY A 74 3.65 -4.13 -5.11
CA GLY A 74 4.82 -3.30 -5.05
C GLY A 74 6.05 -4.06 -5.52
N TRP A 75 7.11 -4.00 -4.73
CA TRP A 75 8.36 -4.67 -5.07
C TRP A 75 8.48 -6.09 -4.53
N GLY A 76 7.35 -6.68 -4.16
CA GLY A 76 7.31 -8.06 -3.71
C GLY A 76 7.77 -8.54 -2.34
N ALA A 77 8.21 -7.66 -1.46
CA ALA A 77 8.66 -8.12 -0.14
C ALA A 77 7.58 -8.88 0.63
N THR A 78 6.34 -8.38 0.55
CA THR A 78 5.25 -9.05 1.26
C THR A 78 5.08 -10.49 0.78
N MET A 79 5.03 -10.69 -0.54
CA MET A 79 4.87 -12.05 -1.05
C MET A 79 6.04 -12.93 -0.69
N ARG A 80 7.26 -12.44 -0.89
CA ARG A 80 8.44 -13.22 -0.56
C ARG A 80 8.42 -13.62 0.92
N ARG A 81 7.96 -12.69 1.77
CA ARG A 81 7.89 -12.97 3.20
C ARG A 81 6.79 -13.99 3.51
N ALA A 82 5.72 -13.93 2.75
CA ALA A 82 4.60 -14.85 2.95
C ALA A 82 5.03 -16.28 2.64
N ILE A 83 5.90 -16.43 1.63
CA ILE A 83 6.40 -17.74 1.24
C ILE A 83 7.24 -18.37 2.34
N ALA A 84 8.20 -17.59 2.83
CA ALA A 84 9.11 -18.05 3.88
C ALA A 84 8.45 -18.27 5.23
N GLN A 85 7.61 -17.32 5.65
CA GLN A 85 6.96 -17.40 6.94
C GLN A 85 5.69 -18.26 7.00
N TYR A 86 4.95 -18.34 5.90
CA TYR A 86 3.71 -19.12 5.91
C TYR A 86 3.66 -20.26 4.90
N ASP A 87 4.71 -20.35 4.09
CA ASP A 87 4.81 -21.41 3.10
C ASP A 87 3.58 -21.52 2.20
N VAL A 88 3.13 -20.38 1.68
CA VAL A 88 1.99 -20.34 0.78
C VAL A 88 2.49 -19.98 -0.62
N ASN A 89 1.73 -20.31 -1.65
CA ASN A 89 2.09 -19.96 -3.01
C ASN A 89 1.64 -18.51 -3.14
N VAL A 90 2.26 -17.75 -4.03
CA VAL A 90 1.87 -16.35 -4.17
C VAL A 90 1.61 -15.85 -5.59
N VAL A 91 0.69 -14.90 -5.69
CA VAL A 91 0.36 -14.29 -6.96
C VAL A 91 0.27 -12.80 -6.68
N GLY A 92 1.05 -12.00 -7.38
CA GLY A 92 1.03 -10.57 -7.17
C GLY A 92 0.58 -9.79 -8.38
N LEU A 93 -0.16 -8.70 -8.13
CA LEU A 93 -0.63 -7.85 -9.20
C LEU A 93 -0.09 -6.44 -8.99
N THR A 94 0.36 -5.81 -10.07
CA THR A 94 0.86 -4.45 -10.00
C THR A 94 0.72 -3.78 -11.36
N LEU A 95 0.53 -2.47 -11.35
CA LEU A 95 0.39 -1.72 -12.58
C LEU A 95 1.73 -1.10 -12.97
N SER A 96 2.73 -1.32 -12.12
CA SER A 96 4.06 -0.79 -12.34
C SER A 96 4.96 -1.74 -13.12
N LYS A 97 5.48 -1.27 -14.25
CA LYS A 97 6.36 -2.11 -15.07
C LYS A 97 7.65 -2.42 -14.31
N ASN A 98 8.23 -1.43 -13.66
CA ASN A 98 9.46 -1.65 -12.92
C ASN A 98 9.25 -2.65 -11.78
N GLN A 99 8.12 -2.56 -11.12
CA GLN A 99 7.85 -3.47 -10.01
C GLN A 99 7.66 -4.90 -10.51
N ALA A 100 7.01 -5.04 -11.66
CA ALA A 100 6.79 -6.37 -12.24
C ALA A 100 8.13 -7.02 -12.54
N ALA A 101 8.99 -6.29 -13.26
CA ALA A 101 10.30 -6.81 -13.61
C ALA A 101 11.11 -7.19 -12.37
N HIS A 102 11.10 -6.30 -11.38
CA HIS A 102 11.81 -6.52 -10.13
C HIS A 102 11.28 -7.73 -9.35
N VAL A 103 9.97 -7.80 -9.17
CA VAL A 103 9.38 -8.92 -8.45
C VAL A 103 9.71 -10.24 -9.16
N GLN A 104 9.61 -10.24 -10.49
CA GLN A 104 9.90 -11.43 -11.27
C GLN A 104 11.33 -11.88 -10.99
N LYS A 105 12.27 -10.95 -11.19
CA LYS A 105 13.68 -11.21 -10.97
C LYS A 105 13.92 -11.77 -9.56
N SER A 106 13.37 -11.11 -8.54
CA SER A 106 13.54 -11.58 -7.16
C SER A 106 12.96 -12.98 -6.97
N PHE A 107 11.88 -13.28 -7.67
CA PHE A 107 11.26 -14.59 -7.57
C PHE A 107 12.19 -15.65 -8.15
N ASP A 108 12.81 -15.34 -9.28
CA ASP A 108 13.74 -16.25 -9.95
C ASP A 108 14.93 -16.58 -9.05
N GLU A 109 15.40 -15.59 -8.32
CA GLU A 109 16.54 -15.76 -7.42
C GLU A 109 16.19 -16.51 -6.14
N MET A 110 14.92 -16.82 -5.95
CA MET A 110 14.49 -17.54 -4.76
C MET A 110 14.61 -19.04 -4.96
N ASP A 111 15.01 -19.76 -3.92
CA ASP A 111 15.14 -21.20 -4.04
C ASP A 111 14.09 -21.91 -3.21
N THR A 112 12.83 -21.67 -3.57
CA THR A 112 11.71 -22.28 -2.87
C THR A 112 10.85 -23.07 -3.85
N PRO A 113 10.19 -24.12 -3.36
CA PRO A 113 9.32 -24.95 -4.21
C PRO A 113 7.93 -24.33 -4.42
N ARG A 114 7.61 -23.31 -3.63
CA ARG A 114 6.30 -22.67 -3.71
C ARG A 114 6.12 -21.91 -5.04
N ASP A 115 4.92 -21.99 -5.59
CA ASP A 115 4.61 -21.31 -6.84
C ASP A 115 4.58 -19.80 -6.59
N ARG A 116 5.05 -19.03 -7.55
CA ARG A 116 5.08 -17.59 -7.40
C ARG A 116 5.13 -16.88 -8.73
N ARG A 117 4.23 -15.92 -8.91
CA ARG A 117 4.20 -15.14 -10.13
C ARG A 117 3.68 -13.73 -9.88
N VAL A 118 4.01 -12.84 -10.78
CA VAL A 118 3.59 -11.45 -10.70
C VAL A 118 3.02 -11.10 -12.06
N LEU A 119 1.87 -10.45 -12.07
CA LEU A 119 1.24 -10.06 -13.32
C LEU A 119 1.22 -8.55 -13.43
N LEU A 120 1.49 -8.04 -14.62
CA LEU A 120 1.40 -6.60 -14.81
C LEU A 120 -0.06 -6.46 -15.18
N ALA A 121 -0.89 -6.24 -14.17
CA ALA A 121 -2.33 -6.11 -14.36
C ALA A 121 -3.01 -5.63 -13.10
N GLY A 122 -4.25 -5.17 -13.22
CA GLY A 122 -4.97 -4.70 -12.05
C GLY A 122 -5.86 -5.81 -11.54
N TRP A 123 -6.46 -5.60 -10.38
CA TRP A 123 -7.35 -6.61 -9.84
C TRP A 123 -8.52 -6.71 -10.82
N GLU A 124 -8.88 -5.60 -11.44
CA GLU A 124 -10.00 -5.62 -12.36
C GLU A 124 -9.81 -6.60 -13.53
N GLN A 125 -8.57 -7.02 -13.75
CA GLN A 125 -8.26 -7.97 -14.82
C GLN A 125 -7.98 -9.37 -14.28
N PHE A 126 -8.09 -9.52 -12.96
CA PHE A 126 -7.82 -10.81 -12.31
C PHE A 126 -9.12 -11.48 -11.85
N ASN A 127 -9.29 -12.75 -12.20
CA ASN A 127 -10.51 -13.49 -11.82
C ASN A 127 -10.22 -14.90 -11.33
N GLU A 128 -8.97 -15.20 -11.04
CA GLU A 128 -8.57 -16.52 -10.56
C GLU A 128 -8.94 -16.77 -9.11
N PRO A 129 -9.31 -18.02 -8.78
CA PRO A 129 -9.67 -18.31 -7.39
C PRO A 129 -8.41 -18.27 -6.54
N VAL A 130 -8.50 -17.68 -5.35
CA VAL A 130 -7.35 -17.61 -4.44
C VAL A 130 -7.85 -17.88 -3.03
N ASP A 131 -6.94 -18.23 -2.13
CA ASP A 131 -7.34 -18.54 -0.76
C ASP A 131 -7.41 -17.35 0.18
N ARG A 132 -6.48 -16.42 0.02
CA ARG A 132 -6.46 -15.24 0.87
C ARG A 132 -5.97 -14.06 0.05
N ILE A 133 -6.29 -12.85 0.49
CA ILE A 133 -5.88 -11.66 -0.22
C ILE A 133 -5.30 -10.63 0.73
N VAL A 134 -4.15 -10.07 0.35
CA VAL A 134 -3.53 -9.02 1.12
C VAL A 134 -3.35 -7.85 0.15
N SER A 135 -3.66 -6.65 0.62
CA SER A 135 -3.50 -5.47 -0.20
C SER A 135 -3.10 -4.35 0.73
N ILE A 136 -1.88 -3.86 0.56
CA ILE A 136 -1.34 -2.82 1.39
C ILE A 136 -0.96 -1.59 0.59
N GLY A 137 -1.61 -0.48 0.88
CA GLY A 137 -1.31 0.77 0.20
C GLY A 137 -1.67 0.82 -1.28
N ALA A 138 -2.55 -0.05 -1.73
CA ALA A 138 -2.95 -0.06 -3.13
C ALA A 138 -4.34 0.55 -3.31
N PHE A 139 -5.22 0.27 -2.37
CA PHE A 139 -6.60 0.73 -2.38
C PHE A 139 -6.78 2.23 -2.70
N GLU A 140 -5.91 3.06 -2.13
CA GLU A 140 -5.95 4.50 -2.32
C GLU A 140 -5.93 4.89 -3.79
N HIS A 141 -5.40 4.01 -4.64
CA HIS A 141 -5.30 4.23 -6.08
C HIS A 141 -6.53 3.75 -6.85
N PHE A 142 -7.28 2.83 -6.27
CA PHE A 142 -8.44 2.26 -6.93
C PHE A 142 -9.47 3.26 -7.46
N GLY A 143 -9.72 4.31 -6.70
CA GLY A 143 -10.71 5.29 -7.10
C GLY A 143 -12.03 4.94 -6.43
N HIS A 144 -12.70 5.93 -5.85
CA HIS A 144 -13.97 5.67 -5.17
C HIS A 144 -14.97 4.98 -6.07
N ASP A 145 -14.99 5.36 -7.34
CA ASP A 145 -15.93 4.81 -8.31
C ASP A 145 -15.74 3.31 -8.56
N ARG A 146 -14.66 2.73 -8.05
CA ARG A 146 -14.41 1.31 -8.24
C ARG A 146 -14.36 0.48 -6.96
N HIS A 147 -14.56 1.13 -5.81
CA HIS A 147 -14.54 0.41 -4.53
C HIS A 147 -15.50 -0.77 -4.53
N ALA A 148 -16.76 -0.51 -4.89
CA ALA A 148 -17.79 -1.55 -4.93
C ALA A 148 -17.34 -2.74 -5.78
N ASP A 149 -16.90 -2.46 -7.00
CA ASP A 149 -16.44 -3.53 -7.88
C ASP A 149 -15.22 -4.25 -7.28
N PHE A 150 -14.34 -3.50 -6.62
CA PHE A 150 -13.17 -4.14 -6.02
C PHE A 150 -13.58 -5.22 -5.03
N PHE A 151 -14.40 -4.85 -4.05
CA PHE A 151 -14.84 -5.79 -3.05
C PHE A 151 -15.63 -6.96 -3.64
N ALA A 152 -16.44 -6.68 -4.66
CA ALA A 152 -17.22 -7.74 -5.30
C ALA A 152 -16.26 -8.79 -5.87
N ARG A 153 -15.19 -8.32 -6.50
CA ARG A 153 -14.20 -9.23 -7.10
C ARG A 153 -13.45 -10.03 -6.03
N ALA A 154 -13.02 -9.34 -4.98
CA ALA A 154 -12.29 -9.98 -3.88
C ALA A 154 -13.18 -11.04 -3.28
N HIS A 155 -14.47 -10.71 -3.13
CA HIS A 155 -15.45 -11.61 -2.55
C HIS A 155 -15.68 -12.79 -3.51
N LYS A 156 -15.67 -12.49 -4.80
CA LYS A 156 -15.88 -13.49 -5.83
C LYS A 156 -14.76 -14.53 -5.87
N ILE A 157 -13.50 -14.06 -5.84
CA ILE A 157 -12.38 -14.99 -5.94
C ILE A 157 -11.95 -15.71 -4.66
N LEU A 158 -12.44 -15.26 -3.52
CA LEU A 158 -12.10 -15.88 -2.24
C LEU A 158 -12.98 -17.09 -1.94
N PRO A 159 -12.45 -18.06 -1.18
CA PRO A 159 -13.26 -19.22 -0.84
C PRO A 159 -14.36 -18.78 0.12
N PRO A 160 -15.34 -19.65 0.41
CA PRO A 160 -16.44 -19.28 1.32
C PRO A 160 -16.03 -18.75 2.70
N ASP A 161 -14.87 -19.18 3.18
CA ASP A 161 -14.37 -18.73 4.49
C ASP A 161 -13.10 -17.92 4.29
N GLY A 162 -13.00 -17.29 3.13
CA GLY A 162 -11.82 -16.50 2.83
C GLY A 162 -11.72 -15.22 3.63
N VAL A 163 -10.53 -14.65 3.68
CA VAL A 163 -10.31 -13.42 4.41
C VAL A 163 -9.52 -12.44 3.54
N LEU A 164 -9.79 -11.16 3.72
CA LEU A 164 -9.11 -10.10 2.98
C LEU A 164 -8.52 -9.13 3.98
N LEU A 165 -7.21 -8.89 3.87
CA LEU A 165 -6.58 -7.93 4.76
C LEU A 165 -6.37 -6.70 3.90
N LEU A 166 -7.20 -5.69 4.14
CA LEU A 166 -7.14 -4.44 3.41
C LEU A 166 -6.46 -3.38 4.24
N HIS A 167 -5.22 -3.07 3.89
CA HIS A 167 -4.44 -2.06 4.59
C HIS A 167 -4.46 -0.83 3.69
N THR A 168 -4.98 0.27 4.20
CA THR A 168 -5.05 1.48 3.38
C THR A 168 -5.09 2.75 4.19
N ILE A 169 -4.68 3.83 3.55
CA ILE A 169 -4.72 5.13 4.17
C ILE A 169 -6.19 5.51 4.17
N THR A 170 -6.64 6.14 5.24
CA THR A 170 -8.02 6.59 5.31
C THR A 170 -7.99 8.06 5.69
N GLY A 171 -8.86 8.84 5.07
CA GLY A 171 -8.92 10.24 5.38
C GLY A 171 -10.08 10.45 6.33
N LEU A 172 -9.96 11.42 7.22
CA LEU A 172 -11.03 11.70 8.16
C LEU A 172 -12.12 12.42 7.38
N THR A 173 -13.37 12.23 7.78
CA THR A 173 -14.47 12.93 7.14
C THR A 173 -14.32 14.38 7.63
N ARG A 174 -15.08 15.30 7.03
CA ARG A 174 -14.99 16.68 7.45
C ARG A 174 -15.45 16.79 8.91
N GLN A 175 -16.44 15.99 9.27
CA GLN A 175 -16.95 16.03 10.64
C GLN A 175 -15.93 15.51 11.63
N GLN A 176 -15.21 14.46 11.27
CA GLN A 176 -14.21 13.90 12.16
C GLN A 176 -13.12 14.94 12.40
N MET A 177 -12.75 15.68 11.35
CA MET A 177 -11.75 16.72 11.50
C MET A 177 -12.26 17.76 12.49
N VAL A 178 -13.52 18.14 12.35
CA VAL A 178 -14.10 19.13 13.25
C VAL A 178 -14.07 18.57 14.67
N ASP A 179 -14.47 17.30 14.82
CA ASP A 179 -14.46 16.65 16.12
C ASP A 179 -13.06 16.73 16.74
N HIS A 180 -12.04 16.50 15.91
CA HIS A 180 -10.65 16.52 16.38
C HIS A 180 -10.03 17.92 16.43
N GLY A 181 -10.81 18.95 16.13
CA GLY A 181 -10.29 20.31 16.15
C GLY A 181 -9.20 20.60 15.12
N LEU A 182 -9.27 19.93 13.97
CA LEU A 182 -8.30 20.11 12.88
C LEU A 182 -8.88 21.07 11.85
N PRO A 183 -8.23 22.23 11.63
CA PRO A 183 -8.71 23.23 10.67
C PRO A 183 -8.45 22.97 9.19
N LEU A 184 -9.37 23.44 8.35
CA LEU A 184 -9.25 23.32 6.91
C LEU A 184 -8.45 24.53 6.44
N THR A 185 -7.13 24.39 6.40
CA THR A 185 -6.25 25.49 6.02
C THR A 185 -5.95 25.54 4.53
N LEU A 186 -5.52 26.70 4.05
CA LEU A 186 -5.19 26.86 2.65
C LEU A 186 -4.03 25.93 2.32
N TRP A 187 -3.10 25.78 3.26
CA TRP A 187 -1.96 24.91 3.05
C TRP A 187 -2.43 23.48 2.80
N LEU A 188 -3.41 23.03 3.59
CA LEU A 188 -3.92 21.68 3.45
C LEU A 188 -4.48 21.43 2.05
N ALA A 189 -5.40 22.29 1.63
CA ALA A 189 -6.00 22.15 0.31
C ALA A 189 -4.90 22.20 -0.74
N ARG A 190 -3.99 23.15 -0.57
CA ARG A 190 -2.88 23.33 -1.51
C ARG A 190 -2.00 22.08 -1.57
N PHE A 191 -1.68 21.52 -0.40
CA PHE A 191 -0.84 20.34 -0.37
C PHE A 191 -1.54 19.16 -1.03
N LEU A 192 -2.82 18.96 -0.70
CA LEU A 192 -3.60 17.88 -1.30
C LEU A 192 -3.64 17.97 -2.82
N LYS A 193 -3.79 19.18 -3.33
CA LYS A 193 -3.83 19.38 -4.77
C LYS A 193 -2.46 18.99 -5.33
N PHE A 194 -1.41 19.39 -4.63
CA PHE A 194 -0.04 19.07 -5.02
C PHE A 194 0.15 17.56 -5.15
N ILE A 195 -0.30 16.82 -4.14
CA ILE A 195 -0.18 15.38 -4.15
C ILE A 195 -0.89 14.78 -5.37
N ALA A 196 -2.12 15.22 -5.59
CA ALA A 196 -2.93 14.74 -6.72
C ALA A 196 -2.37 15.16 -8.08
N THR A 197 -1.62 16.25 -8.11
CA THR A 197 -1.07 16.75 -9.35
C THR A 197 0.34 16.28 -9.68
N GLU A 198 1.22 16.23 -8.67
CA GLU A 198 2.60 15.84 -8.92
C GLU A 198 3.08 14.54 -8.29
N ILE A 199 2.27 13.93 -7.43
CA ILE A 199 2.69 12.71 -6.74
C ILE A 199 1.85 11.48 -7.03
N PHE A 200 0.56 11.55 -6.70
CA PHE A 200 -0.34 10.44 -6.90
C PHE A 200 -1.58 10.79 -7.71
N PRO A 201 -1.42 11.04 -9.01
CA PRO A 201 -2.62 11.37 -9.80
C PRO A 201 -3.61 10.22 -9.62
N GLY A 202 -4.90 10.54 -9.55
CA GLY A 202 -5.91 9.52 -9.38
C GLY A 202 -6.02 9.02 -7.95
N GLY A 203 -5.11 9.48 -7.09
CA GLY A 203 -5.12 9.05 -5.70
C GLY A 203 -6.34 9.58 -4.96
N GLN A 204 -7.15 8.67 -4.44
CA GLN A 204 -8.37 9.02 -3.71
C GLN A 204 -8.53 8.12 -2.48
N PRO A 205 -7.88 8.48 -1.36
CA PRO A 205 -8.01 7.64 -0.17
C PRO A 205 -9.47 7.54 0.27
N PRO A 206 -9.88 6.38 0.77
CA PRO A 206 -11.27 6.28 1.21
C PRO A 206 -11.37 6.84 2.62
N THR A 207 -12.59 6.96 3.10
CA THR A 207 -12.84 7.41 4.46
C THR A 207 -13.09 6.07 5.14
N ILE A 208 -13.06 6.02 6.47
CA ILE A 208 -13.30 4.76 7.16
C ILE A 208 -14.68 4.18 6.88
N GLU A 209 -15.71 5.02 6.97
CA GLU A 209 -17.07 4.55 6.71
C GLU A 209 -17.24 4.02 5.29
N MET A 210 -16.50 4.58 4.34
CA MET A 210 -16.59 4.12 2.95
C MET A 210 -16.15 2.66 2.83
N VAL A 211 -15.03 2.33 3.48
CA VAL A 211 -14.52 0.95 3.47
C VAL A 211 -15.51 0.01 4.14
N GLU A 212 -15.98 0.40 5.33
CA GLU A 212 -16.93 -0.42 6.08
C GLU A 212 -18.22 -0.65 5.32
N GLU A 213 -18.85 0.43 4.88
CA GLU A 213 -20.10 0.35 4.15
C GLU A 213 -20.02 -0.43 2.85
N GLN A 214 -19.04 -0.10 2.02
CA GLN A 214 -18.87 -0.78 0.73
C GLN A 214 -18.55 -2.26 0.89
N SER A 215 -17.68 -2.58 1.84
CA SER A 215 -17.30 -3.97 2.05
C SER A 215 -18.44 -4.75 2.70
N ALA A 216 -19.28 -4.06 3.46
CA ALA A 216 -20.41 -4.72 4.11
C ALA A 216 -21.47 -5.06 3.08
N LYS A 217 -21.65 -4.17 2.10
CA LYS A 217 -22.63 -4.39 1.05
C LYS A 217 -22.31 -5.64 0.27
N THR A 218 -21.01 -5.88 0.05
CA THR A 218 -20.54 -7.05 -0.69
C THR A 218 -20.68 -8.34 0.10
N GLY A 219 -20.78 -8.24 1.43
CA GLY A 219 -20.92 -9.42 2.25
C GLY A 219 -19.76 -9.69 3.20
N PHE A 220 -18.81 -8.77 3.26
CA PHE A 220 -17.67 -8.94 4.17
C PHE A 220 -18.04 -8.46 5.57
N THR A 221 -17.45 -9.10 6.57
CA THR A 221 -17.65 -8.74 7.96
C THR A 221 -16.33 -8.16 8.45
N LEU A 222 -16.36 -6.95 8.99
CA LEU A 222 -15.15 -6.33 9.52
C LEU A 222 -14.89 -6.93 10.90
N THR A 223 -13.99 -7.89 10.97
CA THR A 223 -13.69 -8.52 12.24
C THR A 223 -12.74 -7.67 13.05
N ARG A 224 -12.12 -6.68 12.40
CA ARG A 224 -11.21 -5.79 13.09
C ARG A 224 -10.61 -4.70 12.23
N ARG A 225 -10.54 -3.51 12.80
CA ARG A 225 -9.92 -2.36 12.16
C ARG A 225 -8.81 -1.93 13.12
N GLN A 226 -7.59 -1.84 12.62
CA GLN A 226 -6.46 -1.44 13.44
C GLN A 226 -5.73 -0.26 12.81
N SER A 227 -5.57 0.81 13.59
CA SER A 227 -4.90 2.01 13.11
C SER A 227 -3.41 1.98 13.40
N LEU A 228 -2.63 2.51 12.48
CA LEU A 228 -1.17 2.59 12.61
C LEU A 228 -0.77 4.05 12.43
N GLN A 229 -1.72 4.95 12.62
CA GLN A 229 -1.51 6.39 12.43
C GLN A 229 -0.17 6.95 12.92
N PRO A 230 0.16 6.79 14.22
CA PRO A 230 1.42 7.31 14.75
C PRO A 230 2.66 6.74 14.07
N HIS A 231 2.51 5.55 13.49
CA HIS A 231 3.60 4.89 12.80
C HIS A 231 3.92 5.49 11.44
N TYR A 232 2.93 6.08 10.78
CA TYR A 232 3.17 6.63 9.45
C TYR A 232 4.00 7.91 9.48
N ALA A 233 3.76 8.77 10.46
CA ALA A 233 4.51 10.01 10.56
C ALA A 233 5.98 9.65 10.67
N ARG A 234 6.27 8.68 11.53
CA ARG A 234 7.65 8.23 11.72
C ARG A 234 8.19 7.55 10.48
N THR A 235 7.35 6.73 9.84
CA THR A 235 7.79 6.04 8.62
C THR A 235 8.16 7.13 7.62
N LEU A 236 7.29 8.11 7.48
CA LEU A 236 7.51 9.22 6.57
C LEU A 236 8.75 10.04 6.90
N ASP A 237 9.02 10.26 8.18
CA ASP A 237 10.19 11.02 8.60
C ASP A 237 11.45 10.25 8.16
N LEU A 238 11.43 8.95 8.38
CA LEU A 238 12.57 8.11 8.03
C LEU A 238 12.82 8.11 6.52
N TRP A 239 11.75 8.04 5.73
CA TRP A 239 11.90 8.06 4.27
C TRP A 239 12.45 9.42 3.86
N ALA A 240 11.87 10.48 4.41
CA ALA A 240 12.30 11.83 4.10
C ALA A 240 13.78 12.02 4.42
N GLU A 241 14.18 11.61 5.62
CA GLU A 241 15.56 11.73 6.06
C GLU A 241 16.53 10.96 5.18
N ALA A 242 16.16 9.74 4.79
CA ALA A 242 17.03 8.94 3.94
C ALA A 242 17.22 9.64 2.61
N LEU A 243 16.13 10.10 2.01
CA LEU A 243 16.22 10.79 0.72
C LEU A 243 17.13 12.00 0.87
N GLN A 244 16.90 12.77 1.93
CA GLN A 244 17.69 13.96 2.18
C GLN A 244 19.16 13.58 2.31
N GLU A 245 19.43 12.48 2.99
CA GLU A 245 20.80 12.03 3.14
C GLU A 245 21.40 11.68 1.78
N HIS A 246 20.53 11.39 0.81
CA HIS A 246 20.96 11.05 -0.54
C HIS A 246 20.65 12.15 -1.56
N LYS A 247 20.60 13.39 -1.08
CA LYS A 247 20.29 14.53 -1.95
C LYS A 247 21.08 14.53 -3.25
N SER A 248 22.41 14.46 -3.16
CA SER A 248 23.23 14.48 -4.36
C SER A 248 22.95 13.28 -5.27
N GLU A 249 22.80 12.10 -4.70
CA GLU A 249 22.50 10.90 -5.49
C GLU A 249 21.16 11.08 -6.19
N ALA A 250 20.19 11.64 -5.47
CA ALA A 250 18.86 11.88 -6.01
C ALA A 250 18.93 12.80 -7.21
N ILE A 251 19.68 13.89 -7.07
CA ILE A 251 19.83 14.87 -8.14
C ILE A 251 20.51 14.24 -9.36
N ALA A 252 21.48 13.37 -9.11
CA ALA A 252 22.20 12.70 -10.20
C ALA A 252 21.30 11.75 -10.96
N ILE A 253 20.59 10.89 -10.23
CA ILE A 253 19.68 9.91 -10.82
C ILE A 253 18.50 10.56 -11.52
N GLN A 254 18.00 11.63 -10.93
CA GLN A 254 16.87 12.35 -11.49
C GLN A 254 17.18 13.83 -11.69
N SER A 255 16.82 14.66 -10.70
CA SER A 255 17.07 16.10 -10.79
C SER A 255 16.75 16.77 -9.46
N GLU A 256 17.18 18.01 -9.31
CA GLU A 256 16.92 18.74 -8.07
C GLU A 256 15.41 18.94 -7.95
N GLU A 257 14.75 19.12 -9.09
CA GLU A 257 13.31 19.32 -9.12
C GLU A 257 12.58 18.11 -8.54
N VAL A 258 12.98 16.92 -8.98
CA VAL A 258 12.36 15.70 -8.48
C VAL A 258 12.71 15.49 -7.01
N TYR A 259 13.96 15.78 -6.66
CA TYR A 259 14.40 15.65 -5.29
C TYR A 259 13.49 16.48 -4.39
N GLU A 260 13.38 17.77 -4.71
CA GLU A 260 12.56 18.68 -3.93
C GLU A 260 11.08 18.28 -3.94
N ARG A 261 10.61 17.78 -5.08
CA ARG A 261 9.21 17.34 -5.17
C ARG A 261 8.93 16.24 -4.15
N TYR A 262 9.79 15.23 -4.09
CA TYR A 262 9.60 14.14 -3.15
C TYR A 262 9.82 14.53 -1.70
N MET A 263 10.78 15.43 -1.44
CA MET A 263 11.01 15.88 -0.07
C MET A 263 9.78 16.65 0.39
N LYS A 264 9.20 17.43 -0.52
CA LYS A 264 8.00 18.20 -0.22
C LYS A 264 6.85 17.24 0.08
N TYR A 265 6.76 16.18 -0.72
CA TYR A 265 5.71 15.19 -0.54
C TYR A 265 5.90 14.38 0.74
N LEU A 266 7.11 13.89 0.96
CA LEU A 266 7.35 13.08 2.16
C LEU A 266 7.15 13.86 3.46
N THR A 267 7.75 15.04 3.57
CA THR A 267 7.62 15.84 4.79
C THR A 267 6.19 16.36 4.95
N GLY A 268 5.55 16.71 3.84
CA GLY A 268 4.19 17.20 3.92
C GLY A 268 3.25 16.16 4.50
N CYS A 269 3.32 14.93 3.99
CA CYS A 269 2.48 13.85 4.47
C CYS A 269 2.75 13.53 5.92
N ALA A 270 4.01 13.62 6.33
CA ALA A 270 4.38 13.35 7.71
C ALA A 270 3.60 14.31 8.63
N LYS A 271 3.37 15.53 8.16
CA LYS A 271 2.62 16.50 8.95
C LYS A 271 1.15 16.09 9.00
N LEU A 272 0.62 15.64 7.87
CA LEU A 272 -0.77 15.20 7.82
C LEU A 272 -1.07 14.16 8.91
N PHE A 273 -0.23 13.13 9.01
CA PHE A 273 -0.45 12.09 10.02
C PHE A 273 -0.14 12.60 11.43
N ARG A 274 0.88 13.42 11.53
CA ARG A 274 1.28 13.96 12.82
C ARG A 274 0.15 14.80 13.41
N VAL A 275 -0.41 15.68 12.58
CA VAL A 275 -1.52 16.53 13.01
C VAL A 275 -2.75 15.66 13.21
N GLY A 276 -2.96 14.71 12.31
CA GLY A 276 -4.11 13.82 12.41
C GLY A 276 -5.12 13.98 11.29
N TYR A 277 -4.78 14.71 10.24
CA TYR A 277 -5.71 14.90 9.12
C TYR A 277 -5.97 13.57 8.43
N ILE A 278 -4.93 12.74 8.37
CA ILE A 278 -5.00 11.45 7.71
C ILE A 278 -4.72 10.33 8.73
N ASP A 279 -5.25 9.15 8.43
CA ASP A 279 -5.08 7.96 9.27
C ASP A 279 -4.64 6.85 8.31
N VAL A 280 -4.34 5.68 8.87
CA VAL A 280 -3.95 4.52 8.07
C VAL A 280 -4.48 3.35 8.86
N ASN A 281 -5.25 2.48 8.21
CA ASN A 281 -5.87 1.35 8.88
C ASN A 281 -5.76 0.00 8.21
N GLN A 282 -5.78 -1.04 9.02
CA GLN A 282 -5.77 -2.40 8.53
C GLN A 282 -7.16 -2.98 8.81
N PHE A 283 -7.88 -3.31 7.74
CA PHE A 283 -9.22 -3.86 7.87
C PHE A 283 -9.21 -5.36 7.62
N THR A 284 -9.57 -6.13 8.63
CA THR A 284 -9.63 -7.57 8.49
C THR A 284 -11.05 -7.89 8.07
N LEU A 285 -11.22 -8.21 6.79
CA LEU A 285 -12.54 -8.51 6.21
C LEU A 285 -12.72 -9.99 5.92
N ALA A 286 -13.72 -10.59 6.55
CA ALA A 286 -14.01 -12.01 6.38
C ALA A 286 -15.32 -12.23 5.65
N LYS A 287 -15.34 -13.22 4.76
CA LYS A 287 -16.54 -13.53 4.00
C LYS A 287 -17.58 -14.19 4.90
#